data_7X8O
#
_entry.id   7X8O
#
loop_
_entity.id
_entity.type
_entity.pdbx_description
1 polymer 'DNA (24-MER)'
2 non-polymer 6,7-dihydro[1,3]dioxolo[4,5-g][1,3]dioxolo[7,8]isoquino[3,2-a]isoquinolin-5-ium
#
_entity_poly.entity_id   1
_entity_poly.type   'polydeoxyribonucleotide'
_entity_poly.pdbx_seq_one_letter_code
;(THM)(DG)(DA)(DG)(DG)(DG)(DC)(DG)(DG)(DT)(DG)(DT)(DG)(DG)(DG)(DA)(DA)(DT)(DA)
(DG)(DG)(DG)(DA)(DA)
;
_entity_poly.pdbx_strand_id   X
#
loop_
_chem_comp.id
_chem_comp.type
_chem_comp.name
_chem_comp.formula
DA DNA linking 2'-DEOXYADENOSINE-5'-MONOPHOSPHATE 'C10 H14 N5 O6 P'
DC DNA linking 2'-DEOXYCYTIDINE-5'-MONOPHOSPHATE 'C9 H14 N3 O7 P'
DG DNA linking 2'-DEOXYGUANOSINE-5'-MONOPHOSPHATE 'C10 H14 N5 O7 P'
DT DNA linking THYMIDINE-5'-MONOPHOSPHATE 'C10 H15 N2 O8 P'
KPT non-polymer 6,7-dihydro[1,3]dioxolo[4,5-g][1,3]dioxolo[7,8]isoquino[3,2-a]isoquinolin-5-ium 'C19 H14 N O4 1'
THM DNA OH 5 prime terminus THYMIDINE 'C10 H14 N2 O5'
#
# COMPACT_ATOMS: atom_id res chain seq x y z
O5' THM A 1 -0.27 -13.67 -0.05
C5' THM A 1 -1.18 -14.54 0.61
C4' THM A 1 -2.44 -13.82 1.13
O4' THM A 1 -2.09 -12.83 2.09
C3' THM A 1 -3.24 -13.12 0.01
O3' THM A 1 -4.61 -13.50 0.15
C2' THM A 1 -2.99 -11.64 0.29
C1' THM A 1 -2.83 -11.65 1.82
N1 THM A 1 -2.13 -10.48 2.39
C2 THM A 1 -2.73 -9.83 3.49
O2 THM A 1 -3.83 -10.13 3.96
N3 THM A 1 -2.01 -8.81 4.08
C4 THM A 1 -0.75 -8.41 3.72
O4 THM A 1 -0.22 -7.51 4.37
C5 THM A 1 -0.17 -9.11 2.58
C5M THM A 1 1.22 -8.78 2.09
C6 THM A 1 -0.88 -10.10 1.96
HO5' THM A 1 0.14 -13.08 0.63
H5'1 THM A 1 -0.70 -15.05 1.44
H5'2 THM A 1 -1.49 -15.30 -0.11
H4' THM A 1 -3.08 -14.57 1.60
H3' THM A 1 -2.87 -13.40 -0.98
H2'1 THM A 1 -2.08 -11.33 -0.20
H2'2 THM A 1 -3.82 -11.01 -0.01
H1' THM A 1 -3.83 -11.75 2.25
HN3 THM A 1 -2.43 -8.36 4.87
HM51 THM A 1 1.94 -9.01 2.88
HM52 THM A 1 1.29 -7.72 1.87
HM53 THM A 1 1.48 -9.36 1.20
H6 THM A 1 -0.43 -10.63 1.13
C36 KPT B . 1.57 -4.61 -3.06
O4 KPT B . 3.01 -4.41 -2.97
O3 KPT B . 1.02 -4.00 -1.84
C18 KPT B . 2.07 -3.53 -1.13
C13 KPT B . 2.06 -2.85 0.10
C14 KPT B . 0.86 -2.60 0.78
C17 KPT B . 3.25 -3.76 -1.80
C16 KPT B . 4.49 -3.34 -1.28
C15 KPT B . 4.50 -2.66 -0.05
C12 KPT B . 3.28 -2.41 0.64
C11 KPT B . 3.27 -1.71 1.86
C10 KPT B . 2.06 -1.43 2.54
N KPT B . 0.84 -1.84 1.95
C9 KPT B . -0.44 -1.31 2.42
C8 KPT B . -0.50 -1.15 3.94
C6 KPT B . 2.03 -0.74 3.79
C5 KPT B . 0.79 -0.55 4.48
C4 KPT B . 0.72 0.15 5.70
C7 KPT B . 3.23 -0.22 4.39
C3 KPT B . 3.12 0.46 5.60
C2 KPT B . 1.91 0.64 6.24
O2 KPT B . 2.08 1.31 7.41
O1 KPT B . 4.11 1.02 6.34
C1 KPT B . 3.51 1.61 7.52
H1 KPT B . 1.33 -5.68 -3.07
H21 KPT B . 1.16 -4.11 -3.95
H2 KPT B . -0.10 -2.94 0.38
H3 KPT B . 5.40 -3.54 -1.84
H4 KPT B . 5.43 -2.30 0.38
H5 KPT B . 4.22 -1.40 2.25
H6 KPT B . -0.61 -0.35 1.93
H7 KPT B . -1.24 -1.99 2.11
H8 KPT B . -1.36 -0.53 4.21
H9 KPT B . -0.65 -2.13 4.41
H10 KPT B . -0.21 0.29 6.23
H11 KPT B . 4.21 -0.30 3.95
H12 KPT B . 3.67 2.69 7.54
H14 KPT B . 3.91 1.15 8.44
C36 KPT C . 3.80 9.46 -6.90
O4 KPT C . 4.33 10.16 -5.73
O3 KPT C . 2.36 9.34 -6.66
C18 KPT C . 2.12 9.87 -5.43
C13 KPT C . 0.90 9.94 -4.73
C14 KPT C . -0.29 9.44 -5.28
C17 KPT C . 3.29 10.36 -4.88
C16 KPT C . 3.32 10.91 -3.59
C15 KPT C . 2.11 10.97 -2.87
C12 KPT C . 0.91 10.49 -3.45
C11 KPT C . -0.30 10.62 -2.74
C10 KPT C . -1.52 10.14 -3.30
N KPT C . -1.45 9.41 -4.51
C9 KPT C . -2.53 8.48 -4.86
C8 KPT C . -3.90 9.14 -4.64
C6 KPT C . -2.78 10.33 -2.66
C5 KPT C . -3.97 9.81 -3.28
C4 KPT C . -5.22 9.95 -2.68
C7 KPT C . -2.91 11.03 -1.42
C3 KPT C . -4.19 11.16 -0.86
C2 KPT C . -5.30 10.62 -1.46
O2 KPT C . -6.42 10.91 -0.74
O1 KPT C . -4.54 11.81 0.28
C1 KPT C . -6.00 11.78 0.35
H1 KPT C . 4.25 8.47 -6.99
H21 KPT C . 3.99 10.05 -7.80
H2 KPT C . -0.32 9.00 -6.27
H3 KPT C . 4.25 11.28 -3.17
H4 KPT C . 2.10 11.33 -1.86
H5 KPT C . -0.28 11.09 -1.78
H6 KPT C . -2.43 8.15 -5.90
H7 KPT C . -2.44 7.60 -4.20
H8 KPT C . -4.07 9.89 -5.43
H9 KPT C . -4.70 8.39 -4.75
H10 KPT C . -6.13 9.56 -3.15
H11 KPT C . -2.09 11.47 -0.88
H12 KPT C . -6.39 12.79 0.19
H14 KPT C . -6.34 11.38 1.31
O5' THM A 1 -0.45 -14.51 -1.60
C5' THM A 1 -0.41 -13.72 -0.42
C4' THM A 1 -1.83 -13.38 0.08
O4' THM A 1 -1.73 -12.65 1.29
C3' THM A 1 -2.65 -12.53 -0.92
O3' THM A 1 -3.95 -13.07 -1.03
C2' THM A 1 -2.61 -11.15 -0.27
C1' THM A 1 -2.59 -11.52 1.21
N1 THM A 1 -2.11 -10.44 2.13
C2 THM A 1 -2.91 -10.13 3.25
O2 THM A 1 -3.99 -10.64 3.50
N3 THM A 1 -2.40 -9.19 4.11
C4 THM A 1 -1.18 -8.57 4.01
O4 THM A 1 -0.84 -7.76 4.88
C5 THM A 1 -0.38 -8.95 2.84
C5M THM A 1 1.00 -8.36 2.61
C6 THM A 1 -0.88 -9.85 1.94
HO5' THM A 1 0.46 -14.74 -1.88
H5'1 THM A 1 0.11 -12.78 -0.62
H5'2 THM A 1 0.11 -14.25 0.37
H4' THM A 1 -2.36 -14.31 0.26
H3' THM A 1 -2.16 -12.51 -1.90
H2'1 THM A 1 -1.71 -10.62 -0.57
H2'2 THM A 1 -3.49 -10.55 -0.52
H1' THM A 1 -3.61 -11.82 1.49
HN3 THM A 1 -2.96 -8.95 4.90
HM51 THM A 1 1.69 -8.77 3.34
HM52 THM A 1 0.96 -7.28 2.74
HM53 THM A 1 1.36 -8.58 1.61
H6 THM A 1 -0.27 -10.14 1.10
C36 KPT B . 1.85 -4.55 -2.95
O4 KPT B . 3.29 -4.35 -2.82
O3 KPT B . 1.26 -3.97 -1.76
C18 KPT B . 2.28 -3.46 -1.02
C13 KPT B . 2.21 -2.76 0.20
C14 KPT B . 1.00 -2.52 0.83
C17 KPT B . 3.48 -3.68 -1.65
C16 KPT B . 4.70 -3.24 -1.11
C15 KPT B . 4.65 -2.53 0.11
C12 KPT B . 3.41 -2.28 0.76
C11 KPT B . 3.36 -1.57 1.97
C10 KPT B . 2.12 -1.30 2.61
N KPT B . 0.94 -1.71 1.97
C9 KPT B . -0.37 -1.15 2.36
C8 KPT B . -0.50 -0.98 3.88
C6 KPT B . 2.05 -0.60 3.85
C5 KPT B . 0.77 -0.40 4.48
C4 KPT B . 0.66 0.31 5.70
C7 KPT B . 3.21 -0.08 4.50
C3 KPT B . 3.06 0.60 5.71
C2 KPT B . 1.83 0.80 6.28
O2 KPT B . 1.94 1.48 7.45
O1 KPT B . 4.03 1.16 6.48
C1 KPT B . 3.36 1.76 7.63
H1 KPT B . 1.62 -5.63 -3.00
H21 KPT B . 1.47 -4.05 -3.86
H2 KPT B . 0.06 -2.87 0.41
H3 KPT B . 5.64 -3.42 -1.63
H4 KPT B . 5.57 -2.15 0.56
H5 KPT B . 4.29 -1.24 2.38
H6 KPT B . -0.48 -0.19 1.86
H7 KPT B . -1.16 -1.81 2.02
H8 KPT B . -1.36 -0.34 4.10
H9 KPT B . -0.68 -1.96 4.35
H10 KPT B . -0.30 0.46 6.19
H11 KPT B . 4.22 -0.18 4.11
H12 KPT B . 3.54 2.84 7.64
H14 KPT B . 3.73 1.31 8.56
C36 KPT C . 4.08 9.41 -6.66
O4 KPT C . 4.53 10.19 -5.51
O3 KPT C . 2.64 9.26 -6.48
C18 KPT C . 2.31 9.87 -5.31
C13 KPT C . 1.06 9.94 -4.68
C14 KPT C . -0.10 9.38 -5.25
C17 KPT C . 3.44 10.42 -4.72
C16 KPT C . 3.39 11.07 -3.49
C15 KPT C . 2.13 11.15 -2.84
C12 KPT C . 0.97 10.60 -3.44
C11 KPT C . -0.27 10.71 -2.81
C10 KPT C . -1.44 10.15 -3.38
N KPT C . -1.29 9.37 -4.54
C9 KPT C . -2.35 8.42 -4.93
C8 KPT C . -3.74 9.06 -4.79
C6 KPT C . -2.72 10.31 -2.79
C5 KPT C . -3.87 9.74 -3.44
C4 KPT C . -5.16 9.84 -2.88
C7 KPT C . -2.93 11.04 -1.58
C3 KPT C . -4.22 11.13 -1.05
C2 KPT C . -5.30 10.52 -1.67
O2 KPT C . -6.45 10.79 -0.99
O1 KPT C . -4.63 11.78 0.06
C1 KPT C . -6.09 11.70 0.08
H1 KPT C . 4.56 8.42 -6.67
H21 KPT C . 4.28 9.94 -7.60
H2 KPT C . -0.06 8.86 -6.21
H3 KPT C . 4.29 11.49 -3.05
H4 KPT C . 2.05 11.61 -1.87
H5 KPT C . -0.31 11.26 -1.87
H6 KPT C . -2.20 8.08 -5.97
H7 KPT C . -2.27 7.55 -4.27
H8 KPT C . -3.89 9.79 -5.58
H9 KPT C . -4.51 8.29 -4.91
H10 KPT C . -6.04 9.42 -3.36
H11 KPT C . -2.14 11.53 -1.02
H12 KPT C . -6.52 12.70 -0.12
H14 KPT C . -6.45 11.33 1.05
O5' THM A 1 0.64 -13.03 -0.52
C5' THM A 1 -0.28 -14.00 0.00
C4' THM A 1 -1.60 -13.39 0.47
O4' THM A 1 -1.40 -12.50 1.56
C3' THM A 1 -2.35 -12.63 -0.62
O3' THM A 1 -3.69 -13.12 -0.68
C2' THM A 1 -2.27 -11.17 -0.13
C1' THM A 1 -2.23 -11.37 1.38
N1 THM A 1 -1.70 -10.22 2.16
C2 THM A 1 -2.48 -9.70 3.21
O2 THM A 1 -3.61 -10.10 3.49
N3 THM A 1 -1.92 -8.69 3.96
C4 THM A 1 -0.64 -8.21 3.83
O4 THM A 1 -0.26 -7.33 4.61
C5 THM A 1 0.13 -8.79 2.73
C5M THM A 1 1.57 -8.36 2.50
C6 THM A 1 -0.42 -9.75 1.94
HO5' THM A 1 0.95 -12.47 0.21
H5'1 THM A 1 0.19 -14.53 0.83
H5'2 THM A 1 -0.50 -14.73 -0.79
H4' THM A 1 -2.24 -14.21 0.82
H3' THM A 1 -1.85 -12.73 -1.59
H2'1 THM A 1 -1.35 -10.72 -0.50
H2'2 THM A 1 -3.12 -10.58 -0.43
H1' THM A 1 -3.24 -11.62 1.71
HN3 THM A 1 -2.48 -8.32 4.71
HM51 THM A 1 1.99 -8.86 1.62
HM52 THM A 1 2.17 -8.62 3.38
HM53 THM A 1 1.62 -7.29 2.36
H6 THM A 1 0.18 -10.18 1.14
C36 KPT B . 1.79 -4.55 -2.87
O4 KPT B . 3.24 -4.37 -2.75
O3 KPT B . 1.21 -3.91 -1.70
C18 KPT B . 2.25 -3.43 -0.95
C13 KPT B . 2.20 -2.72 0.26
C14 KPT B . 0.98 -2.45 0.89
C17 KPT B . 3.45 -3.69 -1.58
C16 KPT B . 4.67 -3.27 -1.04
C15 KPT B . 4.64 -2.55 0.18
C12 KPT B . 3.40 -2.27 0.82
C11 KPT B . 3.36 -1.56 2.03
C10 KPT B . 2.14 -1.28 2.68
N KPT B . 0.93 -1.71 2.07
C9 KPT B . -0.38 -1.27 2.52
C8 KPT B . -0.46 -0.99 4.03
C6 KPT B . 2.07 -0.56 3.92
C5 KPT B . 0.81 -0.38 4.58
C4 KPT B . 0.71 0.33 5.79
C7 KPT B . 3.24 -0.03 4.53
C3 KPT B . 3.11 0.65 5.74
C2 KPT B . 1.88 0.84 6.35
O2 KPT B . 2.02 1.52 7.51
O1 KPT B . 4.09 1.21 6.50
C1 KPT B . 3.45 1.82 7.66
H1 KPT B . 1.56 -5.62 -2.87
H21 KPT B . 1.44 -4.08 -3.79
H2 KPT B . 0.04 -2.80 0.47
H3 KPT B . 5.61 -3.49 -1.54
H4 KPT B . 5.57 -2.20 0.63
H5 KPT B . 4.30 -1.24 2.45
H6 KPT B . -0.66 -0.36 1.96
H7 KPT B . -1.11 -2.05 2.29
H8 KPT B . -1.32 -0.35 4.24
H9 KPT B . -0.64 -1.94 4.56
H10 KPT B . -0.24 0.49 6.30
H11 KPT B . 4.24 -0.11 4.13
H12 KPT B . 3.60 2.91 7.66
H14 KPT B . 3.83 1.39 8.59
C36 KPT C . 4.08 9.12 -7.10
O4 KPT C . 4.61 9.89 -5.98
O3 KPT C . 2.65 8.99 -6.83
C18 KPT C . 2.40 9.61 -5.65
C13 KPT C . 1.18 9.72 -4.96
C14 KPT C . 0.00 9.17 -5.46
C17 KPT C . 3.58 10.14 -5.13
C16 KPT C . 3.60 10.80 -3.91
C15 KPT C . 2.39 10.91 -3.20
C12 KPT C . 1.19 10.38 -3.72
C11 KPT C . -0.02 10.54 -3.03
C10 KPT C . -1.23 10.01 -3.53
N KPT C . -1.17 9.21 -4.69
C9 KPT C . -2.26 8.28 -5.01
C8 KPT C . -3.62 8.97 -4.82
C6 KPT C . -2.49 10.22 -2.88
C5 KPT C . -3.68 9.68 -3.48
C4 KPT C . -4.93 9.83 -2.85
C7 KPT C . -2.61 10.95 -1.67
C3 KPT C . -3.87 11.08 -1.09
C2 KPT C . -4.99 10.52 -1.66
O2 KPT C . -6.09 10.82 -0.93
O1 KPT C . -4.21 11.76 0.05
C1 KPT C . -5.66 11.74 0.12
H1 KPT C . 4.54 8.13 -7.14
H21 KPT C . 4.25 9.66 -8.05
H2 KPT C . -0.03 8.65 -6.42
H3 KPT C . 4.53 11.21 -3.52
H4 KPT C . 2.37 11.39 -2.22
H5 KPT C . 0.01 11.10 -2.10
H6 KPT C . -2.17 7.91 -6.04
H7 KPT C . -2.18 7.43 -4.31
H8 KPT C . -3.76 9.71 -5.62
H9 KPT C . -4.42 8.24 -4.91
H10 KPT C . -5.84 9.42 -3.29
H11 KPT C . -1.77 11.41 -1.14
H12 KPT C . -6.06 12.74 -0.08
H14 KPT C . -6.00 11.39 1.11
O5' THM A 1 0.40 -12.30 0.52
C5' THM A 1 -0.32 -13.45 0.97
C4' THM A 1 -1.78 -13.15 1.35
O4' THM A 1 -1.84 -12.30 2.50
C3' THM A 1 -2.57 -12.47 0.21
O3' THM A 1 -3.87 -13.05 0.16
C2' THM A 1 -2.56 -11.01 0.64
C1' THM A 1 -2.57 -11.12 2.16
N1 THM A 1 -1.95 -9.96 2.88
C2 THM A 1 -2.66 -9.38 3.94
O2 THM A 1 -3.79 -9.73 4.29
N3 THM A 1 -2.04 -8.37 4.63
C4 THM A 1 -0.76 -7.91 4.41
O4 THM A 1 -0.32 -7.02 5.12
C5 THM A 1 -0.06 -8.57 3.31
C5M THM A 1 1.38 -8.19 2.97
C6 THM A 1 -0.66 -9.55 2.59
HO5' THM A 1 1.33 -12.55 0.31
H5'1 THM A 1 0.18 -13.87 1.85
H5'2 THM A 1 -0.32 -14.20 0.19
H4' THM A 1 -2.27 -14.10 1.60
H3' THM A 1 -2.05 -12.61 -0.74
H2'1 THM A 1 -1.66 -10.53 0.27
H2'2 THM A 1 -3.43 -10.46 0.29
H1' THM A 1 -3.60 -11.24 2.47
HN3 THM A 1 -2.55 -7.97 5.40
HM51 THM A 1 1.44 -7.12 2.78
HM52 THM A 1 1.73 -8.73 2.09
HM53 THM A 1 2.03 -8.42 3.82
H6 THM A 1 -0.12 -10.05 1.79
C36 KPT B . 1.71 -4.61 -2.94
O4 KPT B . 3.15 -4.41 -2.84
O3 KPT B . 1.15 -4.00 -1.75
C18 KPT B . 2.20 -3.50 -1.01
C13 KPT B . 2.16 -2.81 0.20
C14 KPT B . 0.96 -2.55 0.86
C17 KPT B . 3.38 -3.74 -1.67
C16 KPT B . 4.62 -3.30 -1.16
C15 KPT B . 4.60 -2.60 0.07
C12 KPT B . 3.38 -2.35 0.74
C11 KPT B . 3.35 -1.65 1.94
C10 KPT B . 2.13 -1.37 2.63
N KPT B . 0.92 -1.79 2.02
C9 KPT B . -0.38 -1.31 2.50
C8 KPT B . -0.43 -1.12 4.01
C6 KPT B . 2.10 -0.69 3.88
C5 KPT B . 0.85 -0.51 4.56
C4 KPT B . 0.77 0.18 5.79
C7 KPT B . 3.28 -0.16 4.49
C3 KPT B . 3.16 0.50 5.70
C2 KPT B . 1.95 0.67 6.34
O2 KPT B . 2.11 1.32 7.52
O1 KPT B . 4.16 1.05 6.45
C1 KPT B . 3.54 1.58 7.66
H1 KPT B . 1.48 -5.68 -2.97
H21 KPT B . 1.32 -4.11 -3.84
H2 KPT B . 0.01 -2.88 0.44
H3 KPT B . 5.54 -3.50 -1.70
H4 KPT B . 5.53 -2.23 0.49
H5 KPT B . 4.30 -1.32 2.35
H6 KPT B . -0.59 -0.37 1.99
H7 KPT B . -1.14 -2.03 2.20
H8 KPT B . -1.30 -0.50 4.26
H9 KPT B . -0.60 -2.09 4.50
H10 KPT B . -0.17 0.31 6.31
H11 KPT B . 4.27 -0.23 4.06
H12 KPT B . 3.73 2.66 7.74
H14 KPT B . 3.93 1.07 8.55
C36 KPT C . 3.71 9.12 -7.17
O4 KPT C . 4.28 9.81 -6.01
O3 KPT C . 2.29 9.01 -6.89
C18 KPT C . 2.06 9.59 -5.68
C13 KPT C . 0.86 9.70 -4.96
C14 KPT C . -0.35 9.21 -5.48
C17 KPT C . 3.26 10.06 -5.15
C16 KPT C . 3.32 10.65 -3.89
C15 KPT C . 2.11 10.76 -3.16
C12 KPT C . 0.89 10.30 -3.69
C11 KPT C . -0.30 10.45 -2.98
C10 KPT C . -1.52 9.96 -3.49
N KPT C . -1.50 9.22 -4.68
C9 KPT C . -2.61 8.31 -5.01
C8 KPT C . -3.96 9.01 -4.78
C6 KPT C . -2.78 10.17 -2.82
C5 KPT C . -3.98 9.68 -3.42
C4 KPT C . -5.23 9.84 -2.79
C7 KPT C . -2.86 10.86 -1.57
C3 KPT C . -4.13 11.01 -0.99
C2 KPT C . -5.27 10.51 -1.58
O2 KPT C . -6.36 10.81 -0.82
O1 KPT C . -4.44 11.64 0.18
C1 KPT C . -5.89 11.64 0.28
H1 KPT C . 4.15 8.11 -7.26
H21 KPT C . 3.88 9.69 -8.08
H2 KPT C . -0.41 8.73 -6.45
H3 KPT C . 4.27 11.01 -3.49
H4 KPT C . 2.12 11.19 -2.16
H5 KPT C . -0.25 10.96 -2.03
H6 KPT C . -2.54 7.97 -6.06
H7 KPT C . -2.52 7.44 -4.35
H8 KPT C . -4.12 9.75 -5.56
H9 KPT C . -4.77 8.27 -4.86
H10 KPT C . -6.15 9.48 -3.24
H11 KPT C . -2.02 11.28 -1.04
H12 KPT C . -6.27 12.66 0.16
H14 KPT C . -6.21 11.22 1.24
O5' THM A 1 0.98 -11.65 0.23
C5' THM A 1 0.26 -12.85 0.52
C4' THM A 1 -1.19 -12.60 0.98
O4' THM A 1 -1.21 -11.83 2.18
C3' THM A 1 -2.03 -11.86 -0.06
O3' THM A 1 -3.25 -12.57 -0.26
C2' THM A 1 -2.25 -10.49 0.59
C1' THM A 1 -2.23 -10.86 2.07
N1 THM A 1 -1.96 -9.71 3.00
C2 THM A 1 -2.88 -9.46 4.02
O2 THM A 1 -3.91 -10.10 4.20
N3 THM A 1 -2.57 -8.44 4.89
C4 THM A 1 -1.41 -7.69 4.88
O4 THM A 1 -1.26 -6.84 5.75
C5 THM A 1 -0.48 -8.02 3.80
C5M THM A 1 0.84 -7.28 3.68
C6 THM A 1 -0.79 -8.99 2.90
HO5' THM A 1 1.15 -11.17 1.06
H5'1 THM A 1 0.78 -13.41 1.30
H5'2 THM A 1 0.24 -13.48 -0.37
H4' THM A 1 -1.65 -13.57 1.18
H3' THM A 1 -1.49 -11.75 -1.00
H2'1 THM A 1 -1.43 -9.83 0.33
H2'2 THM A 1 -3.21 -10.04 0.32
H1' THM A 1 -3.19 -11.33 2.31
HN3 THM A 1 -3.23 -8.25 5.63
HM51 THM A 1 0.67 -6.22 3.62
HM52 THM A 1 1.40 -7.61 2.80
HM53 THM A 1 1.44 -7.49 4.57
H6 THM A 1 -0.09 -9.23 2.11
C36 KPT B . 2.09 -4.54 -2.87
O4 KPT B . 3.52 -4.26 -2.76
O3 KPT B . 1.49 -3.99 -1.67
C18 KPT B . 2.50 -3.44 -0.93
C13 KPT B . 2.41 -2.74 0.27
C14 KPT B . 1.18 -2.56 0.94
C17 KPT B . 3.71 -3.59 -1.58
C16 KPT B . 4.89 -3.06 -1.06
C15 KPT B . 4.83 -2.37 0.16
C12 KPT B . 3.58 -2.19 0.82
C11 KPT B . 3.51 -1.48 2.03
C10 KPT B . 2.27 -1.27 2.69
N KPT B . 1.09 -1.74 2.06
C9 KPT B . -0.22 -1.24 2.44
C8 KPT B . -0.36 -1.04 3.96
C6 KPT B . 2.17 -0.58 3.94
C5 KPT B . 0.89 -0.42 4.56
C4 KPT B . 0.75 0.27 5.78
C7 KPT B . 3.32 -0.05 4.60
C3 KPT B . 3.15 0.62 5.80
C2 KPT B . 1.91 0.78 6.38
O2 KPT B . 2.01 1.43 7.57
O1 KPT B . 4.11 1.17 6.60
C1 KPT B . 3.41 1.72 7.77
H1 KPT B . 1.93 -5.62 -2.93
H21 KPT B . 1.68 -4.05 -3.76
H2 KPT B . 0.26 -2.98 0.54
H3 KPT B . 5.83 -3.19 -1.61
H4 KPT B . 5.73 -1.93 0.59
H5 KPT B . 4.43 -1.09 2.44
H6 KPT B . -0.39 -0.29 1.92
H7 KPT B . -0.98 -1.96 2.12
H8 KPT B . -1.24 -0.42 4.17
H9 KPT B . -0.54 -2.00 4.43
H10 KPT B . -0.21 0.39 6.27
H11 KPT B . 4.33 -0.12 4.21
H12 KPT B . 3.58 2.80 7.83
H14 KPT B . 3.78 1.23 8.69
C36 KPT C . 4.17 9.29 -6.73
O4 KPT C . 4.62 10.11 -5.61
O3 KPT C . 2.74 9.13 -6.54
C18 KPT C . 2.41 9.77 -5.37
C13 KPT C . 1.15 9.85 -4.75
C14 KPT C . 0.01 9.25 -5.29
C17 KPT C . 3.53 10.35 -4.82
C16 KPT C . 3.48 11.05 -3.61
C15 KPT C . 2.23 11.13 -2.96
C12 KPT C . 1.07 10.55 -3.52
C11 KPT C . -0.17 10.67 -2.90
C10 KPT C . -1.34 10.09 -3.45
N KPT C . -1.19 9.26 -4.58
C9 KPT C . -2.23 8.29 -4.92
C8 KPT C . -3.62 8.93 -4.82
C6 KPT C . -2.63 10.26 -2.86
C5 KPT C . -3.77 9.66 -3.49
C4 KPT C . -5.06 9.74 -2.93
C7 KPT C . -2.83 11.01 -1.66
C3 KPT C . -4.13 11.08 -1.14
C2 KPT C . -5.20 10.45 -1.75
O2 KPT C . -6.35 10.70 -1.05
O1 KPT C . -4.55 11.74 -0.03
C1 KPT C . -6.00 11.65 0.00
H1 KPT C . 4.67 8.32 -6.71
H21 KPT C . 4.37 9.80 -7.68
H2 KPT C . 0.05 8.70 -6.23
H3 KPT C . 4.38 11.49 -3.20
H4 KPT C . 2.14 11.65 -2.01
H5 KPT C . -0.21 11.25 -1.99
H6 KPT C . -2.08 7.89 -5.94
H7 KPT C . -2.15 7.45 -4.21
H8 KPT C . -3.76 9.64 -5.64
H9 KPT C . -4.39 8.16 -4.93
H10 KPT C . -5.93 9.29 -3.40
H11 KPT C . -2.05 11.51 -1.12
H12 KPT C . -6.44 12.63 -0.24
H14 KPT C . -6.36 11.29 0.97
O5' THM A 1 0.60 -12.54 0.20
C5' THM A 1 -0.17 -13.70 0.49
C4' THM A 1 -1.67 -13.41 0.80
O4' THM A 1 -1.78 -12.66 2.01
C3' THM A 1 -2.40 -12.66 -0.32
O3' THM A 1 -3.70 -13.22 -0.48
C2' THM A 1 -2.43 -11.23 0.24
C1' THM A 1 -2.55 -11.50 1.75
N1 THM A 1 -2.08 -10.38 2.61
C2 THM A 1 -2.94 -9.89 3.59
O2 THM A 1 -4.07 -10.35 3.82
N3 THM A 1 -2.48 -8.85 4.37
C4 THM A 1 -1.23 -8.28 4.28
O4 THM A 1 -0.95 -7.36 5.06
C5 THM A 1 -0.36 -8.84 3.25
C5M THM A 1 1.07 -8.34 3.07
C6 THM A 1 -0.81 -9.86 2.46
HO5' THM A 1 0.51 -12.31 -0.74
H5'1 THM A 1 0.25 -14.20 1.35
H5'2 THM A 1 -0.13 -14.40 -0.35
H4' THM A 1 -2.16 -14.38 0.94
H3' THM A 1 -1.84 -12.70 -1.26
H2'1 THM A 1 -1.49 -10.72 0.00
H2'2 THM A 1 -3.27 -10.66 -0.13
H1' THM A 1 -3.60 -11.72 1.95
HN3 THM A 1 -3.10 -8.50 5.08
HM51 THM A 1 1.51 -8.15 4.05
HM52 THM A 1 1.05 -7.40 2.51
HM53 THM A 1 1.67 -9.07 2.53
H6 THM A 1 -0.14 -10.30 1.73
C36 KPT B . 2.00 -4.60 -2.85
O4 KPT B . 3.44 -4.37 -2.71
O3 KPT B . 1.40 -4.00 -1.66
C18 KPT B . 2.42 -3.48 -0.91
C13 KPT B . 2.34 -2.79 0.30
C14 KPT B . 1.12 -2.56 0.94
C17 KPT B . 3.63 -3.70 -1.54
C16 KPT B . 4.84 -3.23 -1.00
C15 KPT B . 4.78 -2.52 0.23
C12 KPT B . 3.53 -2.30 0.87
C11 KPT B . 3.46 -1.59 2.08
C10 KPT B . 2.23 -1.36 2.73
N KPT B . 1.05 -1.79 2.10
C9 KPT B . -0.27 -1.30 2.52
C8 KPT B . -0.38 -1.13 4.03
C6 KPT B . 2.14 -0.67 3.98
C5 KPT B . 0.88 -0.51 4.62
C4 KPT B . 0.74 0.17 5.85
C7 KPT B . 3.31 -0.13 4.62
C3 KPT B . 3.14 0.54 5.85
C2 KPT B . 1.90 0.69 6.44
O2 KPT B . 2.03 1.34 7.62
O1 KPT B . 4.11 1.09 6.62
C1 KPT B . 3.44 1.63 7.80
H1 KPT B . 1.80 -5.68 -2.87
H21 KPT B . 1.63 -4.11 -3.75
H2 KPT B . 0.18 -2.93 0.51
H3 KPT B . 5.78 -3.41 -1.52
H4 KPT B . 5.69 -2.14 0.68
H5 KPT B . 4.40 -1.26 2.50
H6 KPT B . -0.45 -0.33 2.02
H7 KPT B . -1.04 -2.00 2.18
H8 KPT B . -1.27 -0.52 4.26
H9 KPT B . -0.54 -2.11 4.50
H10 KPT B . -0.21 0.29 6.35
H11 KPT B . 4.31 -0.19 4.23
H12 KPT B . 3.61 2.71 7.88
H14 KPT B . 3.81 1.12 8.71
C36 KPT C . 4.09 9.34 -6.96
O4 KPT C . 4.58 10.04 -5.77
O3 KPT C . 2.66 9.19 -6.76
C18 KPT C . 2.36 9.73 -5.54
C13 KPT C . 1.12 9.77 -4.88
C14 KPT C . -0.04 9.24 -5.46
C17 KPT C . 3.51 10.24 -4.96
C16 KPT C . 3.49 10.80 -3.68
C15 KPT C . 2.25 10.85 -3.00
C12 KPT C . 1.07 10.36 -3.60
C11 KPT C . -0.16 10.45 -2.94
C10 KPT C . -1.34 9.94 -3.52
N KPT C . -1.23 9.20 -4.73
C9 KPT C . -2.28 8.26 -5.12
C8 KPT C . -3.67 8.89 -4.93
C6 KPT C . -2.62 10.10 -2.91
C5 KPT C . -3.78 9.55 -3.56
C4 KPT C . -5.06 9.65 -2.99
C7 KPT C . -2.80 10.79 -1.68
C3 KPT C . -4.09 10.89 -1.15
C2 KPT C . -5.18 10.32 -1.78
O2 KPT C . -6.32 10.58 -1.09
O1 KPT C . -4.49 11.52 -0.02
C1 KPT C . -5.94 11.47 0.00
H1 KPT C . 4.57 8.36 -7.04
H21 KPT C . 4.29 9.94 -7.86
H2 KPT C . -0.03 8.79 -6.45
H3 KPT C . 4.40 11.18 -3.23
H4 KPT C . 2.20 11.25 -1.99
H5 KPT C . -0.17 10.94 -1.98
H6 KPT C . -2.15 7.93 -6.15
H7 KPT C . -2.18 7.37 -4.46
H8 KPT C . -3.83 9.64 -5.71
H9 KPT C . -4.44 8.12 -5.05
H10 KPT C . -5.95 9.25 -3.48
H11 KPT C . -2.00 11.24 -1.11
H12 KPT C . -6.35 12.48 -0.19
H14 KPT C . -6.31 11.10 0.97
O5' THM A 1 0.21 -13.75 -1.06
C5' THM A 1 -0.78 -14.64 -0.54
C4' THM A 1 -2.05 -13.92 -0.05
O4' THM A 1 -1.76 -13.04 1.03
C3' THM A 1 -2.75 -13.09 -1.14
O3' THM A 1 -4.13 -13.44 -1.16
C2' THM A 1 -2.50 -11.66 -0.66
C1' THM A 1 -2.50 -11.85 0.84
N1 THM A 1 -1.88 -10.75 1.64
C2 THM A 1 -2.62 -10.22 2.72
O2 THM A 1 -3.77 -10.58 3.01
N3 THM A 1 -2.00 -9.28 3.50
C4 THM A 1 -0.70 -8.84 3.35
O4 THM A 1 -0.25 -8.02 4.14
C5 THM A 1 0.02 -9.42 2.21
C5M THM A 1 1.47 -9.05 1.94
C6 THM A 1 -0.59 -10.33 1.40
HO5' THM A 1 0.55 -13.19 -0.34
H5'1 THM A 1 -0.35 -15.21 0.29
H5'2 THM A 1 -1.07 -15.35 -1.32
H4' THM A 1 -2.75 -14.69 0.30
H3' THM A 1 -2.29 -13.27 -2.12
H2'1 THM A 1 -1.53 -11.30 -1.03
H2'2 THM A 1 -3.28 -10.97 -0.98
H1' THM A 1 -3.53 -12.02 1.16
HN3 THM A 1 -2.51 -8.91 4.27
HM51 THM A 1 2.09 -9.35 2.79
HM52 THM A 1 1.55 -7.96 1.83
HM53 THM A 1 1.84 -9.53 1.04
H6 THM A 1 -0.03 -10.76 0.58
C36 KPT B . 2.20 -4.50 -2.91
O4 KPT B . 3.61 -4.23 -2.68
O3 KPT B . 1.51 -3.89 -1.78
C18 KPT B . 2.45 -3.36 -0.96
C13 KPT B . 2.28 -2.63 0.22
C14 KPT B . 1.01 -2.41 0.76
C17 KPT B . 3.71 -3.54 -1.51
C16 KPT B . 4.86 -3.05 -0.90
C15 KPT B . 4.71 -2.34 0.32
C12 KPT B . 3.42 -2.12 0.86
C11 KPT B . 3.26 -1.42 2.06
C10 KPT B . 1.98 -1.18 2.62
N KPT B . 0.85 -1.57 1.87
C9 KPT B . -0.45 -0.93 2.12
C8 KPT B . -0.75 -0.86 3.61
C6 KPT B . 1.79 -0.54 3.88
C5 KPT B . 0.46 -0.35 4.39
C4 KPT B . 0.24 0.29 5.63
C7 KPT B . 2.89 -0.09 4.66
C3 KPT B . 2.63 0.53 5.89
C2 KPT B . 1.35 0.71 6.35
O2 KPT B . 1.36 1.31 7.58
O1 KPT B . 3.53 1.00 6.80
C1 KPT B . 2.77 1.46 7.95
H1 KPT B . 2.02 -5.58 -2.92
H21 KPT B . 1.87 -4.05 -3.86
H2 KPT B . 0.10 -2.80 0.29
H3 KPT B . 5.84 -3.20 -1.35
H4 KPT B . 5.58 -1.93 0.82
H5 KPT B . 4.16 -1.08 2.56
H6 KPT B . -0.41 0.08 1.69
H7 KPT B . -1.25 -1.46 1.59
H8 KPT B . -1.62 -0.21 3.78
H9 KPT B . -1.01 -1.86 3.99
H10 KPT B . -0.76 0.43 6.04
H11 KPT B . 3.93 -0.19 4.39
H12 KPT B . 2.99 2.51 8.17
H14 KPT B . 2.99 0.85 8.83
C36 KPT C . 3.87 9.42 -6.95
O4 KPT C . 4.41 10.13 -5.79
O3 KPT C . 2.44 9.31 -6.70
C18 KPT C . 2.19 9.88 -5.49
C13 KPT C . 0.97 9.96 -4.79
C14 KPT C . -0.22 9.46 -5.33
C17 KPT C . 3.37 10.36 -4.94
C16 KPT C . 3.39 10.96 -3.68
C15 KPT C . 2.18 11.05 -2.96
C12 KPT C . 0.98 10.57 -3.52
C11 KPT C . -0.23 10.70 -2.83
C10 KPT C . -1.44 10.21 -3.36
N KPT C . -1.38 9.45 -4.56
C9 KPT C . -2.48 8.53 -4.91
C8 KPT C . -3.84 9.20 -4.69
C6 KPT C . -2.71 10.40 -2.72
C5 KPT C . -3.89 9.88 -3.33
C4 KPT C . -5.15 10.02 -2.72
C7 KPT C . -2.83 11.09 -1.48
C3 KPT C . -4.10 11.23 -0.92
C2 KPT C . -5.22 10.69 -1.51
O2 KPT C . -6.33 10.98 -0.77
O1 KPT C . -4.45 11.87 0.23
C1 KPT C . -5.90 11.85 0.30
H1 KPT C . 4.32 8.43 -7.02
H21 KPT C . 4.06 9.99 -7.87
H2 KPT C . -0.25 8.98 -6.30
H3 KPT C . 4.33 11.33 -3.27
H4 KPT C . 2.16 11.46 -1.97
H5 KPT C . -0.21 11.20 -1.87
H6 KPT C . -2.38 8.20 -5.95
H7 KPT C . -2.38 7.65 -4.25
H8 KPT C . -4.01 9.95 -5.48
H9 KPT C . -4.64 8.45 -4.79
H10 KPT C . -6.05 9.64 -3.18
H11 KPT C . -2.00 11.53 -0.94
H12 KPT C . -6.30 12.87 0.14
H14 KPT C . -6.24 11.47 1.28
O5' THM A 1 0.27 -13.13 -0.44
C5' THM A 1 -0.61 -14.14 0.03
C4' THM A 1 -1.96 -13.60 0.53
O4' THM A 1 -1.77 -12.72 1.63
C3' THM A 1 -2.75 -12.83 -0.56
O3' THM A 1 -4.07 -13.35 -0.60
C2' THM A 1 -2.67 -11.39 -0.06
C1' THM A 1 -2.62 -11.60 1.46
N1 THM A 1 -2.11 -10.44 2.25
C2 THM A 1 -2.90 -9.97 3.31
O2 THM A 1 -3.99 -10.44 3.63
N3 THM A 1 -2.37 -8.94 4.06
C4 THM A 1 -1.13 -8.37 3.88
O4 THM A 1 -0.79 -7.47 4.65
C5 THM A 1 -0.36 -8.91 2.78
C5M THM A 1 1.05 -8.40 2.49
C6 THM A 1 -0.88 -9.90 1.99
HO5' THM A 1 0.56 -12.58 0.32
H5'1 THM A 1 -0.14 -14.69 0.85
H5'2 THM A 1 -0.80 -14.85 -0.78
H4' THM A 1 -2.56 -14.45 0.85
H3' THM A 1 -2.27 -12.93 -1.53
H2'1 THM A 1 -1.76 -10.91 -0.42
H2'2 THM A 1 -3.54 -10.79 -0.35
H1' THM A 1 -3.63 -11.86 1.78
HN3 THM A 1 -2.93 -8.60 4.82
HM51 THM A 1 1.47 -8.88 1.61
HM52 THM A 1 1.68 -8.59 3.35
HM53 THM A 1 1.02 -7.32 2.32
H6 THM A 1 -0.28 -10.31 1.18
C36 KPT B . 2.10 -4.46 -2.86
O4 KPT B . 3.51 -4.20 -2.62
O3 KPT B . 1.40 -3.88 -1.72
C18 KPT B . 2.35 -3.35 -0.90
C13 KPT B . 2.16 -2.66 0.31
C14 KPT B . 0.89 -2.46 0.87
C17 KPT B . 3.60 -3.54 -1.43
C16 KPT B . 4.76 -3.06 -0.80
C15 KPT B . 4.59 -2.37 0.42
C12 KPT B . 3.31 -2.17 0.98
C11 KPT B . 3.14 -1.48 2.18
C10 KPT B . 1.86 -1.26 2.75
N KPT B . 0.73 -1.71 2.03
C9 KPT B . -0.63 -1.26 2.37
C8 KPT B . -0.83 -1.05 3.88
C6 KPT B . 1.69 -0.58 4.00
C5 KPT B . 0.37 -0.44 4.55
C4 KPT B . 0.16 0.21 5.79
C7 KPT B . 2.80 -0.08 4.74
C3 KPT B . 2.55 0.55 5.97
C2 KPT B . 1.28 0.68 6.48
O2 KPT B . 1.32 1.26 7.71
O1 KPT B . 3.47 1.02 6.86
C1 KPT B . 2.72 1.39 8.06
H1 KPT B . 1.91 -5.54 -2.91
H21 KPT B . 1.77 -3.97 -3.79
H2 KPT B . 0.00 -2.84 0.38
H3 KPT B . 5.73 -3.21 -1.25
H4 KPT B . 5.47 -1.97 0.94
H5 KPT B . 4.04 -1.12 2.67
H6 KPT B . -0.83 -0.32 1.84
H7 KPT B . -1.33 -2.01 2.04
H8 KPT B . -1.73 -0.43 4.04
H9 KPT B . -1.05 -2.02 4.34
H10 KPT B . -0.83 0.30 6.23
H11 KPT B . 3.83 -0.15 4.43
H12 KPT B . 2.97 2.40 8.38
H14 KPT B . 2.96 0.68 8.87
C36 KPT C . 4.16 9.44 -6.77
O4 KPT C . 4.65 10.21 -5.62
O3 KPT C . 2.73 9.28 -6.55
C18 KPT C . 2.43 9.89 -5.37
C13 KPT C . 1.19 9.98 -4.72
C14 KPT C . 0.03 9.41 -5.27
C17 KPT C . 3.57 10.44 -4.81
C16 KPT C . 3.55 11.10 -3.59
C15 KPT C . 2.30 11.19 -2.92
C12 KPT C . 1.13 10.64 -3.49
C11 KPT C . -0.10 10.78 -2.84
C10 KPT C . -1.28 10.23 -3.39
N KPT C . -1.16 9.42 -4.54
C9 KPT C . -2.23 8.48 -4.89
C8 KPT C . -3.61 9.13 -4.76
C6 KPT C . -2.57 10.42 -2.80
C5 KPT C . -3.73 9.85 -3.43
C4 KPT C . -5.01 9.97 -2.86
C7 KPT C . -2.75 11.16 -1.59
C3 KPT C . -4.04 11.27 -1.06
C2 KPT C . -5.13 10.68 -1.66
O2 KPT C . -6.26 10.95 -0.96
O1 KPT C . -4.43 11.93 0.07
C1 KPT C . -5.89 11.86 0.11
H1 KPT C . 4.65 8.46 -6.80
H21 KPT C . 4.35 9.99 -7.69
H2 KPT C . 0.04 8.88 -6.22
H3 KPT C . 4.46 11.51 -3.16
H4 KPT C . 2.24 11.67 -1.95
H5 KPT C . -0.12 11.33 -1.91
H6 KPT C . -2.09 8.09 -5.91
H7 KPT C . -2.16 7.62 -4.20
H8 KPT C . -3.75 9.85 -5.58
H9 KPT C . -4.40 8.37 -4.86
H10 KPT C . -5.90 9.55 -3.33
H11 KPT C . -1.95 11.64 -1.04
H12 KPT C . -6.31 12.86 -0.09
H14 KPT C . -6.23 11.48 1.08
O5' THM A 1 0.09 -13.24 -0.12
C5' THM A 1 -0.85 -14.18 0.36
C4' THM A 1 -2.19 -13.53 0.82
O4' THM A 1 -1.97 -12.64 1.91
C3' THM A 1 -2.89 -12.76 -0.30
O3' THM A 1 -4.22 -13.26 -0.42
C2' THM A 1 -2.83 -11.31 0.20
C1' THM A 1 -2.79 -11.51 1.71
N1 THM A 1 -2.27 -10.35 2.50
C2 THM A 1 -3.04 -9.86 3.56
O2 THM A 1 -4.15 -10.29 3.86
N3 THM A 1 -2.48 -8.84 4.31
C4 THM A 1 -1.22 -8.31 4.14
O4 THM A 1 -0.86 -7.42 4.91
C5 THM A 1 -0.46 -8.87 3.02
C5M THM A 1 0.95 -8.39 2.74
C6 THM A 1 -1.00 -9.85 2.24
HO5' THM A 1 0.38 -12.67 0.63
H5'1 THM A 1 -0.44 -14.74 1.20
H5'2 THM A 1 -1.09 -14.90 -0.43
H4' THM A 1 -2.85 -14.33 1.17
H3' THM A 1 -2.36 -12.86 -1.25
H2'1 THM A 1 -1.90 -10.84 -0.16
H2'2 THM A 1 -3.68 -10.72 -0.10
H1' THM A 1 -3.81 -11.75 2.04
HN3 THM A 1 -3.04 -8.49 5.07
HM51 THM A 1 0.95 -7.31 2.61
HM52 THM A 1 1.35 -8.86 1.85
HM53 THM A 1 1.59 -8.63 3.60
H6 THM A 1 -0.41 -10.27 1.44
C36 KPT B . 1.68 -4.60 -2.98
O4 KPT B . 3.12 -4.38 -2.88
O3 KPT B . 1.12 -4.02 -1.77
C18 KPT B . 2.16 -3.51 -1.04
C13 KPT B . 2.11 -2.82 0.17
C14 KPT B . 0.90 -2.59 0.84
C17 KPT B . 3.35 -3.72 -1.70
C16 KPT B . 4.57 -3.26 -1.19
C15 KPT B . 4.54 -2.56 0.04
C12 KPT B . 3.32 -2.34 0.71
C11 KPT B . 3.28 -1.63 1.92
C10 KPT B . 2.07 -1.38 2.60
N KPT B . 0.86 -1.83 2.00
C9 KPT B . -0.45 -1.34 2.45
C8 KPT B . -0.51 -1.14 3.97
C6 KPT B . 2.01 -0.67 3.84
C5 KPT B . 0.76 -0.50 4.51
C4 KPT B . 0.66 0.22 5.72
C7 KPT B . 3.17 -0.12 4.45
C3 KPT B . 3.05 0.57 5.65
C2 KPT B . 1.83 0.74 6.26
O2 KPT B . 1.97 1.43 7.42
O1 KPT B . 4.03 1.16 6.40
C1 KPT B . 3.38 1.74 7.56
H1 KPT B . 1.46 -5.68 -3.03
H21 KPT B . 1.28 -4.09 -3.88
H2 KPT B . -0.04 -2.96 0.43
H3 KPT B . 5.49 -3.44 -1.74
H4 KPT B . 5.47 -2.18 0.46
H5 KPT B . 4.22 -1.29 2.32
H6 KPT B . -0.67 -0.41 1.94
H7 KPT B . -1.21 -2.08 2.18
H8 KPT B . -1.40 -0.52 4.21
H9 KPT B . -0.66 -2.11 4.47
H10 KPT B . -0.29 0.34 6.24
H11 KPT B . 4.17 -0.19 4.02
H12 KPT B . 3.54 2.83 7.58
H14 KPT B . 3.78 1.29 8.48
C36 KPT C . 4.11 9.36 -6.83
O4 KPT C . 4.58 10.16 -5.70
O3 KPT C . 2.67 9.21 -6.61
C18 KPT C . 2.37 9.83 -5.44
C13 KPT C . 1.13 9.91 -4.79
C14 KPT C . -0.03 9.33 -5.32
C17 KPT C . 3.51 10.39 -4.89
C16 KPT C . 3.48 11.06 -3.66
C15 KPT C . 2.24 11.14 -2.99
C12 KPT C . 1.08 10.58 -3.55
C11 KPT C . -0.15 10.70 -2.90
C10 KPT C . -1.33 10.14 -3.44
N KPT C . -1.22 9.34 -4.60
C9 KPT C . -2.27 8.37 -4.94
C8 KPT C . -3.66 9.01 -4.78
C6 KPT C . -2.61 10.31 -2.83
C5 KPT C . -3.77 9.73 -3.45
C4 KPT C . -5.05 9.84 -2.86
C7 KPT C . -2.79 11.05 -1.62
C3 KPT C . -4.08 11.14 -1.08
C2 KPT C . -5.17 10.53 -1.66
O2 KPT C . -6.30 10.80 -0.96
O1 KPT C . -4.46 11.79 0.06
C1 KPT C . -5.92 11.70 0.11
H1 KPT C . 4.60 8.39 -6.84
H21 KPT C . 4.30 9.89 -7.77
H2 KPT C . -0.01 8.80 -6.28
H3 KPT C . 4.39 11.47 -3.25
H4 KPT C . 2.18 11.61 -2.03
H5 KPT C . -0.18 11.26 -1.97
H6 KPT C . -2.15 8.00 -5.96
H7 KPT C . -2.19 7.52 -4.25
H8 KPT C . -3.82 9.74 -5.59
H9 KPT C . -4.44 8.25 -4.89
H10 KPT C . -5.93 9.40 -3.33
H11 KPT C . -1.99 11.54 -1.08
H12 KPT C . -6.36 12.70 -0.07
H14 KPT C . -6.24 11.32 1.09
O5' THM A 1 1.16 -13.31 -1.35
C5' THM A 1 0.21 -14.27 -0.90
C4' THM A 1 -1.09 -13.63 -0.36
O4' THM A 1 -0.80 -12.79 0.76
C3' THM A 1 -1.83 -12.77 -1.41
O3' THM A 1 -3.20 -13.15 -1.42
C2' THM A 1 -1.62 -11.34 -0.89
C1' THM A 1 -1.54 -11.59 0.62
N1 THM A 1 -0.89 -10.50 1.39
C2 THM A 1 -1.59 -9.91 2.45
O2 THM A 1 -2.75 -10.21 2.76
N3 THM A 1 -0.93 -8.95 3.18
C4 THM A 1 0.38 -8.55 3.00
O4 THM A 1 0.84 -7.70 3.76
C5 THM A 1 1.06 -9.20 1.88
C5M THM A 1 2.52 -8.88 1.57
C6 THM A 1 0.43 -10.13 1.12
HO5' THM A 1 1.54 -12.83 -0.58
H5'1 THM A 1 0.64 -14.88 -0.10
H5'2 THM A 1 -0.05 -14.93 -1.72
H4' THM A 1 -1.76 -14.43 -0.03
H3' THM A 1 -1.37 -12.90 -2.40
H2'1 THM A 1 -0.68 -10.95 -1.27
H2'2 THM A 1 -2.45 -10.69 -1.14
H1' THM A 1 -2.56 -11.75 0.98
HN3 THM A 1 -1.43 -8.53 3.95
HM51 THM A 1 3.05 -8.65 2.50
HM52 THM A 1 2.57 -8.02 0.92
HM53 THM A 1 3.01 -9.74 1.10
H6 THM A 1 0.95 -10.62 0.31
C36 KPT B . 2.23 -4.47 -3.17
O4 KPT B . 3.65 -4.22 -2.98
O3 KPT B . 1.56 -3.82 -2.05
C18 KPT B . 2.54 -3.32 -1.25
C13 KPT B . 2.40 -2.61 -0.05
C14 KPT B . 1.14 -2.37 0.52
C17 KPT B . 3.78 -3.54 -1.80
C16 KPT B . 4.96 -3.08 -1.20
C15 KPT B . 4.84 -2.38 0.02
C12 KPT B . 3.56 -2.14 0.59
C11 KPT B . 3.44 -1.46 1.81
C10 KPT B . 2.17 -1.21 2.39
N KPT B . 1.02 -1.56 1.65
C9 KPT B . -0.28 -0.94 1.95
C8 KPT B . -0.52 -0.90 3.47
C6 KPT B . 2.02 -0.59 3.66
C5 KPT B . 0.70 -0.41 4.21
C4 KPT B . 0.52 0.21 5.47
C7 KPT B . 3.14 -0.15 4.43
C3 KPT B . 2.91 0.45 5.67
C2 KPT B . 1.65 0.62 6.17
O2 KPT B . 1.69 1.21 7.40
O1 KPT B . 3.84 0.90 6.56
C1 KPT B . 3.11 1.40 7.72
H1 KPT B . 2.04 -5.56 -3.15
H21 KPT B . 1.89 -4.05 -4.12
H2 KPT B . 0.23 -2.73 0.05
H3 KPT B . 5.92 -3.26 -1.67
H4 KPT B . 5.73 -2.01 0.53
H5 KPT B . 4.35 -1.14 2.30
H6 KPT B . -0.26 0.08 1.54
H7 KPT B . -1.08 -1.47 1.44
H8 KPT B . -1.40 -0.26 3.67
H9 KPT B . -0.79 -1.90 3.83
H10 KPT B . -0.47 0.34 5.91
H11 KPT B . 4.18 -0.24 4.11
H12 KPT B . 3.33 2.46 7.87
H14 KPT B . 3.38 0.82 8.61
C36 KPT C . 3.91 9.59 -6.81
O4 KPT C . 4.41 10.30 -5.64
O3 KPT C . 2.48 9.46 -6.60
C18 KPT C . 2.20 10.00 -5.38
C13 KPT C . 0.97 10.05 -4.72
C14 KPT C . -0.21 9.55 -5.28
C17 KPT C . 3.35 10.50 -4.81
C16 KPT C . 3.36 11.06 -3.53
C15 KPT C . 2.12 11.12 -2.84
C12 KPT C . 0.94 10.63 -3.44
C11 KPT C . -0.29 10.73 -2.75
C10 KPT C . -1.48 10.23 -3.33
N KPT C . -1.39 9.51 -4.54
C9 KPT C . -2.47 8.60 -4.93
C8 KPT C . -3.84 9.25 -4.73
C6 KPT C . -2.76 10.40 -2.70
C5 KPT C . -3.93 9.89 -3.35
C4 KPT C . -5.21 9.99 -2.76
C7 KPT C . -2.91 11.05 -1.45
C3 KPT C . -4.20 11.15 -0.89
C2 KPT C . -5.30 10.61 -1.52
O2 KPT C . -6.42 10.85 -0.79
O1 KPT C . -4.56 11.73 0.28
C1 KPT C . -6.02 11.68 0.33
H1 KPT C . 4.38 8.60 -6.89
H21 KPT C . 4.12 10.16 -7.72
H2 KPT C . -0.21 9.08 -6.27
H3 KPT C . 4.28 11.43 -3.09
H4 KPT C . 2.08 11.50 -1.83
H5 KPT C . -0.28 11.22 -1.79
H6 KPT C . -2.35 8.29 -5.98
H7 KPT C . -2.39 7.70 -4.30
H8 KPT C . -3.98 10.04 -5.49
H9 KPT C . -4.63 8.53 -4.88
H10 KPT C . -6.09 9.60 -3.24
H11 KPT C . -2.09 11.48 -0.87
H12 KPT C . -6.42 12.70 0.21
H14 KPT C . -6.36 11.25 1.27
#